data_4LOX
#
_entry.id   4LOX
#
_cell.length_a   61.284
_cell.length_b   67.429
_cell.length_c   98.090
_cell.angle_alpha   90.00
_cell.angle_beta   90.00
_cell.angle_gamma   90.00
#
_symmetry.space_group_name_H-M   'P 21 21 21'
#
loop_
_entity.id
_entity.type
_entity.pdbx_description
1 polymer 'LAGLIDADG homing endonuclease I-SmaMI'
2 polymer "DNA (5'-D(*CP*GP*TP*AP*CP*AP*CP*CP*TP*GP*AP*TP*AP*A)-3')"
3 polymer "DNA (5'-D(P*TP*GP*GP*AP*GP*GP*AP*TP*AP*CP*C)-3')"
4 polymer "DNA (5'-D(*GP*GP*TP*AP*TP*CP*CP*TP*CP*CP*AP*TP*TP*AP*T)-3')"
5 polymer "DNA (5'-D(P*CP*AP*GP*GP*TP*GP*TP*AP*CP*G)-3')"
6 non-polymer 'MAGNESIUM ION'
7 water water
#
loop_
_entity_poly.entity_id
_entity_poly.type
_entity_poly.pdbx_seq_one_letter_code
_entity_poly.pdbx_strand_id
1 'polypeptide(L)'
;SKGENGKLNPWAVVGFIDAEGSFMVRVRKNSKYKTGWLVVAIFSVTVDKKDLFLLESLKTFFGGLGSIKKSGNSTFSYRI
ESSEQLTKIILPFFDKYSLITEKLGDYLLFKKVLELMGTKEHLTQRGLEKIVSLKASINKGLSEELQAAFPQCVPTPRPE
INNKLIPDPFWLAGFVSGDGSFKSILKKSESIKVGFQSILVFQITQHARDVKLMESLISYLGCGFIEKDSRGPWLYYTVT
NFSDIQGKIIPFFHQYKIIGSKYGDYMDWCKIALIMQNKNHLTPEGLNEIRALKGGMNKGRL
;
A
2 'polydeoxyribonucleotide' (DC)(DG)(DT)(DA)(DC)(DA)(DC)(DC)(DT)(DG)(DA)(DT)(DA)(DA) B
3 'polydeoxyribonucleotide' (DT)(DG)(DG)(DA)(DG)(DG)(DA)(DT)(DA)(DC)(DC) C
4 'polydeoxyribonucleotide' (DG)(DG)(DT)(DA)(DT)(DC)(DC)(DT)(DC)(DC)(DA)(DT)(DT)(DA)(DT) D
5 'polydeoxyribonucleotide' (DC)(DA)(DG)(DG)(DT)(DG)(DT)(DA)(DC)(DG) E
#
# COMPACT_ATOMS: atom_id res chain seq x y z
N GLY A 3 9.01 11.26 15.07
CA GLY A 3 9.27 11.93 13.75
C GLY A 3 9.26 10.94 12.59
N GLU A 4 9.89 9.80 12.81
CA GLU A 4 10.03 8.79 11.76
C GLU A 4 9.97 7.44 12.44
N ASN A 5 9.23 6.52 11.85
CA ASN A 5 8.99 5.25 12.53
C ASN A 5 9.23 4.04 11.62
N GLY A 6 10.11 3.14 12.05
CA GLY A 6 10.41 1.90 11.29
C GLY A 6 10.30 0.56 12.04
N LYS A 7 9.75 0.53 13.25
CA LYS A 7 9.50 -0.75 14.00
C LYS A 7 8.41 -1.51 13.27
N LEU A 8 8.60 -2.82 13.08
CA LEU A 8 7.71 -3.60 12.17
C LEU A 8 7.11 -4.80 12.87
N ASN A 9 5.84 -4.99 12.67
CA ASN A 9 5.08 -6.07 13.26
C ASN A 9 4.61 -6.83 12.01
N PRO A 10 4.46 -8.19 12.07
CA PRO A 10 4.05 -8.92 10.84
C PRO A 10 2.79 -8.32 10.11
N TRP A 11 1.76 -7.94 10.88
CA TRP A 11 0.51 -7.41 10.31
C TRP A 11 0.74 -6.03 9.69
N ALA A 12 1.58 -5.23 10.34
CA ALA A 12 1.92 -3.92 9.75
C ALA A 12 2.60 -4.15 8.41
N VAL A 13 3.44 -5.18 8.34
CA VAL A 13 4.11 -5.49 7.07
C VAL A 13 3.07 -5.85 6.02
N VAL A 14 2.14 -6.71 6.41
CA VAL A 14 1.08 -7.11 5.50
C VAL A 14 0.24 -5.93 5.00
N GLY A 15 -0.17 -5.06 5.93
CA GLY A 15 -0.89 -3.85 5.54
C GLY A 15 -0.07 -2.99 4.58
N PHE A 16 1.22 -2.84 4.88
CA PHE A 16 2.03 -1.98 4.01
C PHE A 16 2.13 -2.53 2.59
N ILE A 17 2.24 -3.87 2.50
CA ILE A 17 2.35 -4.53 1.18
C ILE A 17 1.01 -4.52 0.46
N ASP A 18 -0.08 -4.76 1.20
CA ASP A 18 -1.44 -4.57 0.60
C ASP A 18 -1.51 -3.20 -0.07
N ALA A 19 -0.92 -2.18 0.58
CA ALA A 19 -0.90 -0.82 0.08
C ALA A 19 0.11 -0.61 -1.06
N GLU A 20 1.36 -1.05 -0.84
CA GLU A 20 2.45 -0.52 -1.66
C GLU A 20 3.17 -1.61 -2.50
N GLY A 21 2.92 -2.88 -2.21
CA GLY A 21 3.70 -3.96 -2.78
C GLY A 21 3.24 -4.42 -4.13
N SER A 22 4.10 -5.16 -4.85
CA SER A 22 3.70 -5.85 -6.08
C SER A 22 4.30 -7.23 -6.14
N PHE A 23 3.51 -8.15 -6.68
CA PHE A 23 3.92 -9.52 -6.95
C PHE A 23 3.92 -9.66 -8.48
N MET A 24 5.10 -9.78 -9.07
CA MET A 24 5.24 -9.61 -10.50
C MET A 24 5.84 -10.86 -11.12
N VAL A 25 5.55 -11.08 -12.38
CA VAL A 25 6.12 -12.20 -13.15
C VAL A 25 6.50 -11.60 -14.51
N ARG A 26 7.79 -11.64 -14.82
CA ARG A 26 8.29 -11.31 -16.11
C ARG A 26 8.43 -12.60 -16.92
N VAL A 27 8.07 -12.61 -18.14
CA VAL A 27 8.25 -13.63 -19.19
C VAL A 27 9.05 -13.11 -20.41
N ARG A 28 10.23 -13.20 -20.61
CA ARG A 28 11.08 -12.44 -21.46
C ARG A 28 11.55 -13.28 -22.62
N LYS A 29 11.40 -12.73 -23.79
CA LYS A 29 11.81 -13.40 -25.00
C LYS A 29 13.32 -13.43 -25.04
N ASN A 30 13.85 -14.62 -25.23
CA ASN A 30 15.29 -14.82 -25.21
C ASN A 30 15.63 -16.18 -25.76
N SER A 31 16.12 -16.16 -27.00
CA SER A 31 16.41 -17.37 -27.78
C SER A 31 17.47 -18.27 -27.12
N LYS A 32 18.13 -17.76 -26.09
CA LYS A 32 19.18 -18.53 -25.44
C LYS A 32 18.63 -19.58 -24.46
N TYR A 33 17.32 -19.50 -24.23
CA TYR A 33 16.64 -20.50 -23.36
C TYR A 33 15.95 -21.49 -24.25
N LYS A 34 15.92 -22.75 -23.82
CA LYS A 34 15.34 -23.84 -24.56
C LYS A 34 13.91 -23.59 -25.02
N THR A 35 13.06 -23.05 -24.14
CA THR A 35 11.70 -22.68 -24.53
C THR A 35 11.63 -21.41 -25.38
N GLY A 36 12.67 -20.59 -25.44
CA GLY A 36 12.61 -19.26 -26.14
C GLY A 36 12.31 -18.12 -25.16
N TRP A 37 12.01 -18.45 -23.91
CA TRP A 37 11.55 -17.47 -22.95
C TRP A 37 12.18 -17.66 -21.58
N LEU A 38 12.53 -16.54 -20.95
CA LEU A 38 12.98 -16.47 -19.57
C LEU A 38 11.85 -16.01 -18.61
N VAL A 39 11.72 -16.75 -17.50
CA VAL A 39 10.64 -16.60 -16.54
C VAL A 39 11.22 -16.14 -15.24
N VAL A 40 10.72 -15.01 -14.74
CA VAL A 40 11.21 -14.38 -13.48
C VAL A 40 10.03 -13.98 -12.59
N ALA A 41 10.10 -14.36 -11.32
CA ALA A 41 9.16 -13.87 -10.30
C ALA A 41 9.81 -12.78 -9.39
N ILE A 42 9.07 -11.70 -9.12
CA ILE A 42 9.64 -10.56 -8.34
C ILE A 42 8.69 -10.04 -7.26
N PHE A 43 9.16 -9.98 -6.01
CA PHE A 43 8.44 -9.27 -4.95
C PHE A 43 9.10 -7.88 -4.88
N SER A 44 8.29 -6.83 -4.88
CA SER A 44 8.75 -5.44 -4.99
C SER A 44 7.94 -4.52 -4.07
N VAL A 45 8.60 -3.53 -3.51
CA VAL A 45 7.89 -2.47 -2.84
C VAL A 45 8.76 -1.26 -3.07
N THR A 46 8.13 -0.14 -3.37
CA THR A 46 8.88 1.11 -3.69
C THR A 46 8.42 2.26 -2.76
N VAL A 47 9.35 3.09 -2.29
CA VAL A 47 9.01 4.27 -1.46
C VAL A 47 9.80 5.50 -1.90
N ASP A 48 9.36 6.67 -1.47
CA ASP A 48 10.11 7.90 -1.66
C ASP A 48 11.44 7.80 -0.90
N LYS A 49 12.42 8.54 -1.36
CA LYS A 49 13.78 8.42 -0.81
C LYS A 49 13.80 8.83 0.66
N LYS A 50 12.84 9.66 1.06
CA LYS A 50 12.77 10.03 2.47
C LYS A 50 12.36 8.85 3.34
N ASP A 51 11.97 7.73 2.73
CA ASP A 51 11.61 6.49 3.46
C ASP A 51 12.57 5.33 3.23
N LEU A 52 13.81 5.63 2.84
CA LEU A 52 14.85 4.61 2.83
C LEU A 52 14.94 3.85 4.14
N PHE A 53 14.85 4.52 5.29
CA PHE A 53 14.99 3.79 6.58
C PHE A 53 13.93 2.71 6.69
N LEU A 54 12.75 2.97 6.11
CA LEU A 54 11.67 1.98 6.11
C LEU A 54 12.01 0.77 5.26
N LEU A 55 12.62 1.01 4.11
CA LEU A 55 13.00 -0.09 3.28
C LEU A 55 14.10 -0.94 3.92
N GLU A 56 15.08 -0.27 4.53
CA GLU A 56 16.12 -1.05 5.24
C GLU A 56 15.51 -1.90 6.36
N SER A 57 14.45 -1.41 7.03
CA SER A 57 13.75 -2.23 8.07
C SER A 57 13.05 -3.42 7.49
N LEU A 58 12.37 -3.19 6.38
CA LEU A 58 11.74 -4.30 5.66
C LEU A 58 12.73 -5.40 5.29
N LYS A 59 13.87 -5.00 4.75
CA LYS A 59 14.88 -5.96 4.34
C LYS A 59 15.37 -6.75 5.54
N THR A 60 15.64 -6.07 6.64
CA THR A 60 16.00 -6.76 7.91
C THR A 60 14.91 -7.70 8.35
N PHE A 61 13.66 -7.23 8.23
CA PHE A 61 12.49 -8.04 8.60
C PHE A 61 12.47 -9.35 7.81
N PHE A 62 12.78 -9.26 6.53
CA PHE A 62 12.94 -10.46 5.70
C PHE A 62 14.35 -11.08 5.66
N GLY A 63 15.05 -10.99 6.80
CA GLY A 63 16.33 -11.66 7.03
C GLY A 63 17.47 -11.21 6.13
N GLY A 64 17.38 -10.02 5.57
CA GLY A 64 18.52 -9.44 4.84
C GLY A 64 18.55 -9.88 3.40
N LEU A 65 17.50 -10.56 2.97
CA LEU A 65 17.35 -11.04 1.58
C LEU A 65 17.04 -9.88 0.64
N GLY A 66 17.44 -9.95 -0.63
CA GLY A 66 16.94 -8.98 -1.62
C GLY A 66 17.81 -7.74 -1.74
N SER A 67 17.40 -6.78 -2.56
CA SER A 67 18.23 -5.62 -2.89
C SER A 67 17.43 -4.33 -2.88
N ILE A 68 18.06 -3.24 -2.41
CA ILE A 68 17.43 -1.92 -2.44
C ILE A 68 18.25 -1.11 -3.43
N LYS A 69 17.55 -0.48 -4.37
CA LYS A 69 18.14 0.25 -5.49
C LYS A 69 17.32 1.48 -5.85
N LYS A 70 17.95 2.49 -6.39
CA LYS A 70 17.25 3.68 -6.91
C LYS A 70 16.22 3.20 -7.94
N SER A 71 15.00 3.73 -7.88
CA SER A 71 13.96 3.30 -8.80
C SER A 71 13.58 4.35 -9.83
N GLY A 72 13.41 5.58 -9.38
CA GLY A 72 13.12 6.71 -10.23
C GLY A 72 13.82 7.86 -9.54
N ASN A 73 13.61 9.09 -10.03
CA ASN A 73 14.29 10.25 -9.49
C ASN A 73 14.31 10.41 -7.99
N SER A 74 13.22 10.06 -7.32
CA SER A 74 13.17 10.25 -5.87
C SER A 74 12.62 9.04 -5.15
N THR A 75 12.70 7.88 -5.79
CA THR A 75 12.21 6.62 -5.13
C THR A 75 13.24 5.53 -5.11
N PHE A 76 13.04 4.51 -4.27
CA PHE A 76 13.98 3.41 -4.16
C PHE A 76 13.10 2.23 -4.08
N SER A 77 13.53 1.15 -4.72
CA SER A 77 12.87 -0.18 -4.72
C SER A 77 13.53 -1.15 -3.73
N TYR A 78 12.74 -1.95 -2.99
CA TYR A 78 13.24 -3.16 -2.36
C TYR A 78 12.66 -4.35 -3.10
N ARG A 79 13.52 -5.24 -3.59
CA ARG A 79 13.08 -6.36 -4.43
C ARG A 79 13.69 -7.65 -4.04
N ILE A 80 12.88 -8.71 -4.05
CA ILE A 80 13.40 -10.08 -4.00
C ILE A 80 13.02 -10.78 -5.30
N GLU A 81 14.03 -11.26 -6.01
CA GLU A 81 13.77 -11.88 -7.30
C GLU A 81 14.37 -13.28 -7.46
N SER A 82 15.01 -13.78 -6.40
CA SER A 82 15.41 -15.20 -6.38
C SER A 82 14.24 -16.13 -6.06
N SER A 83 13.86 -16.87 -7.10
CA SER A 83 12.91 -17.99 -7.05
C SER A 83 12.96 -18.78 -5.74
N GLU A 84 14.17 -19.19 -5.44
CA GLU A 84 14.45 -19.96 -4.30
C GLU A 84 14.16 -19.24 -2.95
N GLN A 85 14.63 -18.02 -2.82
N GLN A 85 14.66 -18.00 -2.86
CA GLN A 85 14.42 -17.24 -1.63
CA GLN A 85 14.48 -17.08 -1.75
C GLN A 85 12.93 -16.83 -1.49
C GLN A 85 12.99 -16.77 -1.52
N LEU A 86 12.26 -16.53 -2.60
CA LEU A 86 10.80 -16.23 -2.53
C LEU A 86 10.04 -17.45 -1.94
N THR A 87 10.40 -18.65 -2.38
CA THR A 87 9.68 -19.85 -1.92
C THR A 87 10.03 -20.15 -0.51
N LYS A 88 11.26 -19.86 -0.16
CA LYS A 88 11.76 -20.22 1.15
C LYS A 88 11.24 -19.28 2.21
N ILE A 89 11.22 -17.99 1.90
CA ILE A 89 10.98 -16.98 2.95
C ILE A 89 9.62 -16.22 2.82
N ILE A 90 9.38 -15.70 1.60
CA ILE A 90 8.25 -14.82 1.27
C ILE A 90 6.89 -15.57 1.22
N LEU A 91 6.78 -16.68 0.45
CA LEU A 91 5.55 -17.53 0.48
C LEU A 91 5.12 -17.94 1.91
N PRO A 92 6.04 -18.51 2.71
CA PRO A 92 5.55 -18.88 4.06
C PRO A 92 5.08 -17.70 4.91
N PHE A 93 5.68 -16.55 4.74
CA PHE A 93 5.18 -15.40 5.49
C PHE A 93 3.76 -15.00 5.03
N PHE A 94 3.59 -14.71 3.74
CA PHE A 94 2.28 -14.33 3.26
C PHE A 94 1.24 -15.43 3.26
N ASP A 95 1.64 -16.70 3.31
CA ASP A 95 0.64 -17.76 3.50
C ASP A 95 0.11 -17.74 4.93
N LYS A 96 0.93 -17.30 5.87
CA LYS A 96 0.48 -17.32 7.26
C LYS A 96 -0.25 -16.02 7.63
N TYR A 97 0.30 -14.90 7.17
CA TYR A 97 -0.20 -13.55 7.42
C TYR A 97 -0.68 -12.99 6.10
N SER A 98 -1.95 -13.18 5.79
CA SER A 98 -2.42 -12.98 4.38
C SER A 98 -2.93 -11.61 4.03
N LEU A 99 -2.70 -11.23 2.78
CA LEU A 99 -3.16 -9.98 2.22
C LEU A 99 -4.66 -9.94 2.18
N ILE A 100 -5.26 -8.76 2.31
CA ILE A 100 -6.72 -8.77 2.17
C ILE A 100 -7.30 -7.94 1.01
N THR A 101 -6.50 -7.16 0.29
CA THR A 101 -7.06 -6.42 -0.83
C THR A 101 -7.12 -7.37 -2.00
N GLU A 102 -7.49 -6.83 -3.18
CA GLU A 102 -7.48 -7.58 -4.42
C GLU A 102 -6.07 -8.06 -4.80
N LYS A 103 -5.05 -7.42 -4.27
CA LYS A 103 -3.69 -7.87 -4.53
C LYS A 103 -3.43 -9.31 -4.07
N LEU A 104 -4.22 -9.81 -3.14
CA LEU A 104 -4.14 -11.21 -2.76
C LEU A 104 -4.30 -12.16 -3.96
N GLY A 105 -5.20 -11.79 -4.88
CA GLY A 105 -5.39 -12.54 -6.12
C GLY A 105 -4.08 -12.62 -6.86
N ASP A 106 -3.32 -11.53 -6.90
CA ASP A 106 -2.08 -11.55 -7.66
C ASP A 106 -1.04 -12.38 -6.88
N TYR A 107 -1.04 -12.24 -5.55
CA TYR A 107 -0.19 -13.06 -4.73
C TYR A 107 -0.45 -14.53 -5.05
N LEU A 108 -1.70 -14.91 -5.14
CA LEU A 108 -1.97 -16.36 -5.17
C LEU A 108 -1.59 -16.95 -6.56
N LEU A 109 -1.74 -16.17 -7.62
CA LEU A 109 -1.28 -16.59 -8.96
C LEU A 109 0.24 -16.62 -9.01
N PHE A 110 0.87 -15.66 -8.39
CA PHE A 110 2.30 -15.57 -8.25
C PHE A 110 2.85 -16.79 -7.52
N LYS A 111 2.16 -17.22 -6.49
CA LYS A 111 2.55 -18.41 -5.77
C LYS A 111 2.57 -19.61 -6.69
N LYS A 112 1.56 -19.71 -7.51
CA LYS A 112 1.44 -20.80 -8.42
C LYS A 112 2.56 -20.87 -9.44
N VAL A 113 2.93 -19.75 -9.98
CA VAL A 113 4.08 -19.66 -10.84
C VAL A 113 5.33 -20.20 -10.12
N LEU A 114 5.64 -19.69 -8.96
CA LEU A 114 6.77 -20.14 -8.19
C LEU A 114 6.76 -21.64 -7.93
N GLU A 115 5.58 -22.19 -7.84
CA GLU A 115 5.43 -23.60 -7.61
C GLU A 115 5.91 -24.34 -8.86
N LEU A 116 5.54 -23.83 -10.00
CA LEU A 116 5.97 -24.39 -11.25
C LEU A 116 7.48 -24.20 -11.42
N MET A 117 8.00 -23.08 -11.01
CA MET A 117 9.41 -22.80 -11.11
C MET A 117 10.17 -23.72 -10.19
N GLY A 118 9.57 -24.01 -9.05
CA GLY A 118 10.11 -24.95 -8.10
C GLY A 118 10.50 -26.29 -8.68
N THR A 119 9.68 -26.83 -9.55
CA THR A 119 9.94 -28.12 -10.12
C THR A 119 10.57 -27.96 -11.49
N LYS A 120 11.02 -26.76 -11.77
CA LYS A 120 11.67 -26.44 -13.02
C LYS A 120 10.81 -26.63 -14.20
N GLU A 121 9.52 -26.69 -13.99
CA GLU A 121 8.65 -26.89 -15.13
C GLU A 121 8.66 -25.70 -16.06
N HIS A 122 9.07 -24.53 -15.55
CA HIS A 122 9.14 -23.33 -16.36
C HIS A 122 10.05 -23.51 -17.55
N LEU A 123 10.95 -24.49 -17.44
CA LEU A 123 11.89 -24.79 -18.51
C LEU A 123 11.25 -25.68 -19.56
N THR A 124 9.94 -25.96 -19.46
CA THR A 124 9.34 -26.88 -20.44
C THR A 124 8.26 -26.15 -21.21
N GLN A 125 7.94 -26.63 -22.41
CA GLN A 125 6.90 -25.97 -23.21
C GLN A 125 5.56 -25.90 -22.47
N ARG A 126 5.17 -27.01 -21.84
CA ARG A 126 3.92 -27.07 -21.09
C ARG A 126 3.91 -26.20 -19.84
N GLY A 127 5.00 -26.19 -19.08
CA GLY A 127 5.05 -25.46 -17.81
C GLY A 127 4.99 -24.00 -18.19
N LEU A 128 5.69 -23.64 -19.28
CA LEU A 128 5.70 -22.26 -19.78
C LEU A 128 4.30 -21.75 -20.12
N GLU A 129 3.56 -22.53 -20.90
CA GLU A 129 2.19 -22.19 -21.23
C GLU A 129 1.29 -21.96 -19.98
N LYS A 130 1.41 -22.84 -18.97
CA LYS A 130 0.70 -22.67 -17.71
C LYS A 130 1.05 -21.33 -17.05
N ILE A 131 2.34 -20.98 -17.06
CA ILE A 131 2.82 -19.71 -16.50
C ILE A 131 2.32 -18.48 -17.27
N VAL A 132 2.36 -18.57 -18.60
CA VAL A 132 1.70 -17.57 -19.42
C VAL A 132 0.22 -17.39 -19.04
N SER A 133 -0.52 -18.49 -18.90
CA SER A 133 -1.91 -18.39 -18.39
C SER A 133 -2.07 -17.72 -17.03
N LEU A 134 -1.25 -18.09 -16.04
CA LEU A 134 -1.24 -17.42 -14.73
C LEU A 134 -0.93 -15.92 -14.90
N LYS A 135 0.10 -15.60 -15.68
CA LYS A 135 0.57 -14.21 -15.81
C LYS A 135 -0.49 -13.31 -16.40
N ALA A 136 -1.24 -13.90 -17.35
CA ALA A 136 -2.30 -13.20 -18.06
C ALA A 136 -3.37 -12.62 -17.12
N SER A 137 -3.44 -13.13 -15.89
CA SER A 137 -4.41 -12.67 -14.91
C SER A 137 -3.81 -11.93 -13.73
N ILE A 138 -2.48 -11.77 -13.74
CA ILE A 138 -1.76 -11.03 -12.70
C ILE A 138 -1.63 -9.59 -13.14
N ASN A 139 -1.95 -8.66 -12.26
CA ASN A 139 -1.64 -7.25 -12.52
C ASN A 139 -2.14 -6.80 -13.89
N LYS A 140 -1.27 -6.24 -14.72
CA LYS A 140 -1.71 -5.67 -16.00
C LYS A 140 -1.96 -6.69 -17.10
N GLY A 141 -1.73 -7.97 -16.82
CA GLY A 141 -1.91 -9.04 -17.85
C GLY A 141 -0.80 -9.19 -18.89
N LEU A 142 -1.11 -9.73 -20.07
CA LEU A 142 -0.05 -9.91 -21.06
C LEU A 142 0.26 -8.66 -21.83
N SER A 143 1.55 -8.45 -22.07
CA SER A 143 1.99 -7.43 -23.00
C SER A 143 1.48 -7.77 -24.41
N GLU A 144 1.65 -6.83 -25.34
CA GLU A 144 1.37 -7.12 -26.75
C GLU A 144 2.26 -8.27 -27.24
N GLU A 145 3.52 -8.29 -26.80
CA GLU A 145 4.45 -9.29 -27.26
C GLU A 145 4.02 -10.71 -26.82
N LEU A 146 3.50 -10.83 -25.59
CA LEU A 146 3.10 -12.12 -25.09
C LEU A 146 1.79 -12.62 -25.69
N GLN A 147 0.82 -11.71 -25.83
CA GLN A 147 -0.43 -11.99 -26.52
C GLN A 147 -0.14 -12.58 -27.87
N ALA A 148 0.76 -11.93 -28.60
CA ALA A 148 1.13 -12.41 -29.94
C ALA A 148 1.79 -13.79 -29.90
N ALA A 149 2.66 -14.03 -28.94
CA ALA A 149 3.44 -15.27 -28.91
C ALA A 149 2.65 -16.46 -28.36
N PHE A 150 1.65 -16.17 -27.51
CA PHE A 150 0.75 -17.23 -26.98
C PHE A 150 -0.73 -16.96 -27.25
N PRO A 151 -1.15 -17.08 -28.52
CA PRO A 151 -2.51 -16.59 -28.81
C PRO A 151 -3.61 -17.51 -28.28
N GLN A 152 -3.27 -18.77 -28.09
CA GLN A 152 -4.19 -19.80 -27.62
C GLN A 152 -4.31 -19.80 -26.07
N CYS A 153 -3.65 -18.88 -25.40
CA CYS A 153 -3.65 -18.87 -23.91
C CYS A 153 -5.00 -18.47 -23.31
N VAL A 154 -5.58 -19.35 -22.50
CA VAL A 154 -6.77 -18.94 -21.76
C VAL A 154 -6.29 -18.42 -20.39
N PRO A 155 -6.64 -17.16 -20.00
CA PRO A 155 -6.12 -16.65 -18.74
C PRO A 155 -6.65 -17.51 -17.60
N THR A 156 -5.87 -17.73 -16.55
CA THR A 156 -6.44 -18.56 -15.47
C THR A 156 -7.39 -17.70 -14.67
N PRO A 157 -8.57 -18.24 -14.35
CA PRO A 157 -9.59 -17.49 -13.61
C PRO A 157 -9.01 -16.87 -12.34
N ARG A 158 -9.26 -15.58 -12.14
CA ARG A 158 -8.73 -14.82 -11.03
C ARG A 158 -9.39 -15.31 -9.74
N PRO A 159 -8.61 -15.57 -8.66
CA PRO A 159 -9.23 -16.14 -7.45
C PRO A 159 -10.39 -15.29 -6.89
N GLU A 160 -11.44 -15.96 -6.44
CA GLU A 160 -12.65 -15.28 -5.97
C GLU A 160 -12.58 -15.30 -4.43
N ILE A 161 -11.85 -14.34 -3.87
CA ILE A 161 -11.68 -14.35 -2.41
C ILE A 161 -12.59 -13.33 -1.74
N ASN A 162 -13.55 -13.87 -0.99
CA ASN A 162 -14.66 -13.09 -0.45
C ASN A 162 -14.43 -12.77 1.02
N ASN A 163 -15.32 -11.97 1.58
CA ASN A 163 -15.33 -11.70 3.01
C ASN A 163 -13.94 -11.62 3.63
N LYS A 164 -13.19 -10.60 3.27
CA LYS A 164 -11.84 -10.45 3.76
C LYS A 164 -11.88 -9.34 4.82
N LEU A 165 -11.91 -9.77 6.10
CA LEU A 165 -11.99 -8.88 7.26
C LEU A 165 -10.63 -8.34 7.68
N ILE A 166 -10.60 -7.15 8.29
CA ILE A 166 -9.33 -6.63 8.84
C ILE A 166 -8.76 -7.60 9.89
N PRO A 167 -7.62 -8.22 9.56
CA PRO A 167 -7.09 -9.32 10.37
C PRO A 167 -6.52 -8.86 11.71
N ASP A 168 -6.11 -7.59 11.82
CA ASP A 168 -5.39 -7.15 13.01
C ASP A 168 -5.28 -5.64 12.91
N PRO A 169 -5.30 -4.94 14.06
CA PRO A 169 -5.17 -3.48 14.03
C PRO A 169 -3.91 -3.01 13.36
N PHE A 170 -2.82 -3.79 13.50
CA PHE A 170 -1.58 -3.40 12.86
C PHE A 170 -1.65 -3.48 11.35
N TRP A 171 -2.45 -4.40 10.80
CA TRP A 171 -2.71 -4.35 9.36
C TRP A 171 -3.14 -2.90 8.92
N LEU A 172 -4.05 -2.30 9.70
CA LEU A 172 -4.56 -0.97 9.34
C LEU A 172 -3.47 0.07 9.43
N ALA A 173 -2.62 0.01 10.49
CA ALA A 173 -1.54 1.02 10.61
C ALA A 173 -0.67 0.92 9.37
N GLY A 174 -0.42 -0.32 8.93
CA GLY A 174 0.46 -0.48 7.74
C GLY A 174 -0.20 -0.04 6.42
N PHE A 175 -1.45 -0.43 6.20
CA PHE A 175 -2.17 0.00 5.01
C PHE A 175 -2.23 1.54 4.92
N VAL A 176 -2.55 2.18 6.04
CA VAL A 176 -2.68 3.64 6.06
C VAL A 176 -1.32 4.31 5.76
N SER A 177 -0.22 3.74 6.26
CA SER A 177 1.13 4.23 5.98
C SER A 177 1.39 4.32 4.46
N GLY A 178 0.76 3.45 3.67
CA GLY A 178 1.01 3.49 2.24
C GLY A 178 -0.04 4.27 1.52
N ASP A 179 -1.30 4.05 1.88
CA ASP A 179 -2.38 4.60 1.06
C ASP A 179 -3.32 5.58 1.81
N GLY A 180 -2.92 6.00 3.01
CA GLY A 180 -3.71 6.97 3.77
C GLY A 180 -3.10 8.39 3.78
N SER A 181 -3.85 9.34 4.32
CA SER A 181 -3.44 10.74 4.30
C SER A 181 -4.03 11.43 5.56
N PHE A 182 -3.19 12.18 6.27
CA PHE A 182 -3.62 13.03 7.35
C PHE A 182 -3.61 14.44 6.81
N LYS A 183 -4.81 14.92 6.47
CA LYS A 183 -4.94 16.17 5.75
C LYS A 183 -5.33 17.31 6.70
N SER A 184 -4.69 18.46 6.47
CA SER A 184 -5.00 19.69 7.16
C SER A 184 -5.37 20.71 6.08
N ILE A 185 -6.55 21.30 6.22
CA ILE A 185 -7.17 22.10 5.19
C ILE A 185 -7.48 23.47 5.82
N LEU A 186 -7.21 24.54 5.07
CA LEU A 186 -7.65 25.88 5.45
C LEU A 186 -8.50 26.44 4.34
N LYS A 187 -9.75 26.66 4.69
CA LYS A 187 -10.80 26.97 3.74
C LYS A 187 -11.22 28.40 4.00
N LYS A 188 -11.25 29.20 2.96
CA LYS A 188 -11.75 30.56 3.06
C LYS A 188 -13.22 30.50 3.56
N SER A 189 -13.56 31.39 4.48
CA SER A 189 -14.87 31.40 5.12
C SER A 189 -15.29 32.85 5.37
N GLU A 190 -16.52 33.17 4.98
CA GLU A 190 -17.05 34.51 5.17
C GLU A 190 -17.59 34.71 6.58
N SER A 191 -17.86 33.66 7.29
CA SER A 191 -18.49 33.82 8.60
C SER A 191 -17.57 33.64 9.82
N ILE A 192 -16.46 32.90 9.69
CA ILE A 192 -15.55 32.79 10.81
C ILE A 192 -14.76 34.11 11.00
N LYS A 193 -14.68 34.60 12.25
CA LYS A 193 -14.06 35.89 12.49
C LYS A 193 -12.65 35.99 11.88
N VAL A 194 -11.84 34.94 12.04
CA VAL A 194 -10.48 34.92 11.49
C VAL A 194 -10.38 34.67 9.98
N GLY A 195 -11.50 34.39 9.31
CA GLY A 195 -11.49 34.34 7.82
C GLY A 195 -11.26 33.01 7.11
N PHE A 196 -10.80 32.00 7.84
CA PHE A 196 -10.50 30.68 7.29
C PHE A 196 -10.95 29.68 8.32
N GLN A 197 -11.52 28.57 7.84
CA GLN A 197 -11.88 27.48 8.71
C GLN A 197 -10.73 26.47 8.66
N SER A 198 -10.34 25.96 9.83
CA SER A 198 -9.32 24.95 9.92
C SER A 198 -9.99 23.60 9.89
N ILE A 199 -9.64 22.77 8.93
CA ILE A 199 -10.31 21.46 8.86
C ILE A 199 -9.29 20.36 8.92
N LEU A 200 -9.56 19.29 9.68
CA LEU A 200 -8.70 18.06 9.63
C LEU A 200 -9.50 16.97 8.94
N VAL A 201 -8.86 16.29 7.99
CA VAL A 201 -9.52 15.21 7.27
C VAL A 201 -8.59 13.98 7.34
N PHE A 202 -9.16 12.84 7.70
CA PHE A 202 -8.43 11.60 7.60
C PHE A 202 -9.00 10.87 6.40
N GLN A 203 -8.14 10.37 5.53
CA GLN A 203 -8.64 9.84 4.26
C GLN A 203 -7.82 8.63 3.79
N ILE A 204 -8.50 7.53 3.45
CA ILE A 204 -7.83 6.39 2.78
C ILE A 204 -8.28 6.30 1.31
N THR A 205 -7.33 6.25 0.38
CA THR A 205 -7.66 6.05 -1.04
C THR A 205 -7.50 4.58 -1.50
N GLN A 206 -8.43 4.10 -2.34
CA GLN A 206 -8.32 2.75 -2.92
C GLN A 206 -9.19 2.50 -4.15
N HIS A 207 -8.65 1.74 -5.15
CA HIS A 207 -9.41 1.36 -6.36
C HIS A 207 -10.75 0.76 -5.94
N ALA A 208 -11.79 1.09 -6.71
CA ALA A 208 -13.19 0.65 -6.42
C ALA A 208 -13.32 -0.87 -6.37
N ARG A 209 -12.31 -1.58 -6.86
CA ARG A 209 -12.35 -3.01 -6.88
C ARG A 209 -12.42 -3.49 -5.42
N ASP A 210 -11.96 -2.65 -4.49
CA ASP A 210 -11.95 -3.05 -3.09
C ASP A 210 -13.01 -2.30 -2.30
N VAL A 211 -14.14 -2.01 -2.93
CA VAL A 211 -15.30 -1.40 -2.21
C VAL A 211 -15.70 -2.07 -0.88
N LYS A 212 -15.74 -3.38 -0.86
CA LYS A 212 -16.19 -4.08 0.34
C LYS A 212 -15.26 -3.76 1.51
N LEU A 213 -13.95 -3.73 1.24
CA LEU A 213 -12.98 -3.46 2.29
C LEU A 213 -13.10 -2.00 2.77
N MET A 214 -13.26 -1.08 1.82
CA MET A 214 -13.39 0.32 2.14
C MET A 214 -14.65 0.51 3.01
N GLU A 215 -15.74 -0.15 2.62
CA GLU A 215 -16.99 -0.08 3.41
C GLU A 215 -16.79 -0.57 4.85
N SER A 216 -15.99 -1.60 5.04
CA SER A 216 -15.89 -2.24 6.35
C SER A 216 -15.10 -1.35 7.33
N LEU A 217 -14.35 -0.37 6.80
CA LEU A 217 -13.65 0.60 7.63
C LEU A 217 -14.59 1.47 8.48
N ILE A 218 -15.80 1.75 7.98
CA ILE A 218 -16.74 2.61 8.71
C ILE A 218 -17.07 1.81 9.97
N SER A 219 -17.28 0.52 9.74
CA SER A 219 -17.60 -0.34 10.84
C SER A 219 -16.40 -0.50 11.80
N TYR A 220 -15.25 -0.79 11.23
CA TYR A 220 -14.03 -1.06 12.00
C TYR A 220 -13.63 0.14 12.84
N LEU A 221 -13.65 1.34 12.25
CA LEU A 221 -13.27 2.56 12.99
C LEU A 221 -14.44 3.21 13.74
N GLY A 222 -15.66 2.76 13.43
CA GLY A 222 -16.86 3.29 14.08
C GLY A 222 -17.12 4.74 13.67
N CYS A 223 -16.73 5.13 12.45
CA CYS A 223 -16.94 6.48 11.94
C CYS A 223 -16.60 6.53 10.43
N GLY A 224 -16.84 7.69 9.81
CA GLY A 224 -16.37 7.96 8.46
C GLY A 224 -17.42 7.58 7.43
N PHE A 225 -17.16 7.87 6.17
CA PHE A 225 -18.09 7.51 5.12
C PHE A 225 -17.28 7.31 3.85
N ILE A 226 -17.90 6.69 2.86
CA ILE A 226 -17.22 6.34 1.65
C ILE A 226 -17.70 7.27 0.54
N GLU A 227 -16.78 7.71 -0.32
CA GLU A 227 -17.10 8.51 -1.54
C GLU A 227 -16.33 8.10 -2.81
N LYS A 228 -16.89 8.41 -3.97
CA LYS A 228 -16.28 8.07 -5.21
C LYS A 228 -15.67 9.27 -5.85
N ASP A 229 -14.43 9.11 -6.30
CA ASP A 229 -13.80 10.12 -7.15
C ASP A 229 -14.59 10.24 -8.46
N SER A 230 -14.94 11.46 -8.82
CA SER A 230 -15.52 11.81 -10.16
C SER A 230 -14.79 11.31 -11.40
N ARG A 231 -13.49 11.09 -11.28
CA ARG A 231 -12.66 11.09 -12.46
C ARG A 231 -12.29 9.68 -12.84
N GLY A 232 -12.66 8.72 -12.02
CA GLY A 232 -12.42 7.32 -12.35
C GLY A 232 -12.75 6.41 -11.18
N PRO A 233 -12.39 5.11 -11.32
CA PRO A 233 -12.83 4.02 -10.45
C PRO A 233 -12.04 3.93 -9.14
N TRP A 234 -12.06 5.02 -8.36
CA TRP A 234 -11.33 5.17 -7.08
C TRP A 234 -12.22 5.71 -5.91
N LEU A 235 -11.98 5.19 -4.70
CA LEU A 235 -12.83 5.48 -3.57
C LEU A 235 -11.99 6.11 -2.50
N TYR A 236 -12.65 6.92 -1.69
CA TYR A 236 -12.05 7.44 -0.44
C TYR A 236 -12.88 7.02 0.73
N TYR A 237 -12.20 6.54 1.75
CA TYR A 237 -12.82 6.42 3.05
C TYR A 237 -12.39 7.70 3.72
N THR A 238 -13.34 8.46 4.25
CA THR A 238 -13.06 9.80 4.76
C THR A 238 -13.64 10.01 6.17
N VAL A 239 -12.90 10.67 7.06
CA VAL A 239 -13.42 11.15 8.34
C VAL A 239 -13.12 12.66 8.42
N THR A 240 -14.17 13.47 8.53
CA THR A 240 -14.03 14.94 8.66
C THR A 240 -14.56 15.46 10.01
N ASN A 241 -15.50 14.70 10.56
CA ASN A 241 -16.08 15.00 11.87
C ASN A 241 -14.99 15.10 12.96
N PHE A 242 -14.78 16.30 13.50
CA PHE A 242 -13.69 16.53 14.41
C PHE A 242 -13.85 15.71 15.68
N SER A 243 -15.06 15.51 16.20
CA SER A 243 -15.12 14.74 17.43
C SER A 243 -14.77 13.25 17.19
N ASP A 244 -15.03 12.71 15.98
CA ASP A 244 -14.56 11.38 15.57
C ASP A 244 -13.02 11.37 15.37
N ILE A 245 -12.51 12.42 14.75
CA ILE A 245 -11.06 12.55 14.61
C ILE A 245 -10.44 12.53 16.01
N GLN A 246 -10.95 13.34 16.92
CA GLN A 246 -10.37 13.36 18.30
C GLN A 246 -10.54 12.05 19.06
N GLY A 247 -11.71 11.45 18.97
CA GLY A 247 -12.02 10.38 19.90
C GLY A 247 -11.78 9.01 19.31
N LYS A 248 -11.64 8.91 17.97
CA LYS A 248 -11.49 7.58 17.34
C LYS A 248 -10.25 7.42 16.48
N ILE A 249 -9.95 8.36 15.59
CA ILE A 249 -8.83 8.19 14.68
C ILE A 249 -7.48 8.43 15.38
N ILE A 250 -7.38 9.58 16.06
CA ILE A 250 -6.17 9.93 16.75
C ILE A 250 -5.75 8.88 17.80
N PRO A 251 -6.67 8.41 18.66
CA PRO A 251 -6.20 7.39 19.62
C PRO A 251 -5.89 6.03 18.96
N PHE A 252 -6.59 5.69 17.89
CA PHE A 252 -6.19 4.46 17.17
C PHE A 252 -4.72 4.46 16.73
N PHE A 253 -4.35 5.49 15.95
CA PHE A 253 -3.01 5.54 15.36
C PHE A 253 -1.95 6.01 16.38
N HIS A 254 -2.38 6.48 17.54
CA HIS A 254 -1.43 6.68 18.62
C HIS A 254 -0.86 5.34 19.07
N GLN A 255 -1.73 4.34 19.12
CA GLN A 255 -1.38 2.99 19.58
C GLN A 255 -0.88 2.07 18.44
N TYR A 256 -1.50 2.16 17.25
CA TYR A 256 -1.12 1.33 16.13
C TYR A 256 -0.49 2.31 15.22
N LYS A 257 0.85 2.42 15.31
CA LYS A 257 1.58 3.56 14.79
C LYS A 257 1.80 3.51 13.29
N ILE A 258 1.70 4.68 12.69
CA ILE A 258 2.03 4.79 11.26
C ILE A 258 3.53 4.57 11.11
N ILE A 259 3.95 3.93 10.03
CA ILE A 259 5.38 3.74 9.74
C ILE A 259 5.86 4.57 8.55
N GLY A 260 7.17 4.87 8.61
CA GLY A 260 7.81 5.70 7.62
C GLY A 260 7.64 7.12 8.06
N SER A 261 8.06 8.07 7.24
CA SER A 261 8.06 9.51 7.63
C SER A 261 6.65 10.05 7.84
N LYS A 262 5.65 9.40 7.23
CA LYS A 262 4.24 9.77 7.47
C LYS A 262 3.90 9.81 8.98
N TYR A 263 4.65 9.08 9.80
CA TYR A 263 4.48 9.16 11.24
C TYR A 263 4.66 10.58 11.80
N GLY A 264 5.68 11.29 11.27
CA GLY A 264 5.89 12.73 11.56
C GLY A 264 4.68 13.57 11.17
N ASP A 265 4.06 13.27 10.03
CA ASP A 265 2.89 14.01 9.57
C ASP A 265 1.72 13.75 10.50
N TYR A 266 1.53 12.50 10.92
CA TYR A 266 0.54 12.21 11.95
C TYR A 266 0.76 13.00 13.28
N MET A 267 1.99 13.04 13.81
CA MET A 267 2.29 13.84 15.03
C MET A 267 1.93 15.32 14.84
N ASP A 268 2.23 15.85 13.67
CA ASP A 268 1.93 17.27 13.38
C ASP A 268 0.43 17.52 13.24
N TRP A 269 -0.25 16.54 12.67
CA TRP A 269 -1.70 16.59 12.54
C TRP A 269 -2.34 16.59 13.93
N CYS A 270 -1.85 15.72 14.82
CA CYS A 270 -2.29 15.73 16.24
C CYS A 270 -2.03 17.10 16.95
N LYS A 271 -0.95 17.80 16.61
CA LYS A 271 -0.72 19.13 17.23
C LYS A 271 -1.77 20.14 16.78
N ILE A 272 -2.19 20.00 15.52
CA ILE A 272 -3.24 20.88 15.00
C ILE A 272 -4.52 20.58 15.76
N ALA A 273 -4.80 19.28 15.92
CA ALA A 273 -6.00 18.87 16.60
C ALA A 273 -6.08 19.45 18.00
N LEU A 274 -4.93 19.54 18.66
CA LEU A 274 -4.85 20.07 20.05
C LEU A 274 -5.19 21.54 19.99
N ILE A 275 -4.65 22.22 18.98
CA ILE A 275 -4.91 23.65 18.87
C ILE A 275 -6.41 23.85 18.70
N MET A 276 -7.02 23.00 17.89
CA MET A 276 -8.46 23.07 17.60
C MET A 276 -9.26 22.70 18.85
N GLN A 277 -8.77 21.77 19.64
CA GLN A 277 -9.51 21.28 20.80
C GLN A 277 -9.60 22.40 21.83
N ASN A 278 -8.52 23.19 21.90
CA ASN A 278 -8.41 24.35 22.79
C ASN A 278 -9.11 25.59 22.21
N LYS A 279 -9.69 25.46 21.02
CA LYS A 279 -10.42 26.51 20.35
C LYS A 279 -9.52 27.66 19.86
N ASN A 280 -8.22 27.43 19.90
CA ASN A 280 -7.30 28.50 19.53
C ASN A 280 -7.19 28.74 18.04
N HIS A 281 -7.73 27.81 17.26
CA HIS A 281 -7.82 27.92 15.79
C HIS A 281 -8.71 29.07 15.36
N LEU A 282 -9.57 29.54 16.26
CA LEU A 282 -10.41 30.71 15.90
C LEU A 282 -9.77 32.04 16.29
N THR A 283 -8.50 32.03 16.69
CA THR A 283 -7.73 33.29 16.92
C THR A 283 -6.67 33.45 15.82
N PRO A 284 -6.21 34.69 15.55
CA PRO A 284 -5.21 34.80 14.46
C PRO A 284 -3.92 34.06 14.80
N GLU A 285 -3.49 34.15 16.04
CA GLU A 285 -2.33 33.44 16.57
C GLU A 285 -2.44 31.93 16.35
N GLY A 286 -3.53 31.34 16.86
CA GLY A 286 -3.78 29.92 16.62
C GLY A 286 -3.80 29.56 15.12
N LEU A 287 -4.49 30.36 14.32
CA LEU A 287 -4.59 30.09 12.89
C LEU A 287 -3.15 30.04 12.31
N ASN A 288 -2.32 31.03 12.68
CA ASN A 288 -0.95 31.07 12.22
C ASN A 288 -0.08 29.93 12.72
N GLU A 289 -0.25 29.48 13.97
CA GLU A 289 0.45 28.23 14.35
C GLU A 289 0.07 27.07 13.43
N ILE A 290 -1.21 26.99 13.06
CA ILE A 290 -1.70 25.88 12.20
C ILE A 290 -1.11 26.03 10.78
N ARG A 291 -1.06 27.27 10.24
CA ARG A 291 -0.45 27.45 8.92
C ARG A 291 1.01 26.96 9.01
N ALA A 292 1.69 27.23 10.12
CA ALA A 292 3.11 26.86 10.19
C ALA A 292 3.26 25.34 10.35
N LEU A 293 2.41 24.69 11.12
CA LEU A 293 2.47 23.22 11.20
C LEU A 293 2.21 22.58 9.84
N LYS A 294 1.16 23.05 9.16
CA LYS A 294 0.79 22.54 7.82
C LYS A 294 1.93 22.63 6.84
N GLY A 295 2.55 23.78 6.84
CA GLY A 295 3.67 24.08 5.96
C GLY A 295 4.67 22.98 6.05
N GLY A 296 5.07 22.58 7.26
CA GLY A 296 6.13 21.59 7.38
C GLY A 296 5.65 20.14 7.33
N MET A 297 4.38 19.89 7.14
CA MET A 297 3.98 18.49 7.09
C MET A 297 3.73 18.06 5.67
N ASN A 298 3.56 16.75 5.50
CA ASN A 298 3.33 16.16 4.19
C ASN A 298 4.33 16.77 3.20
N LYS A 299 3.82 17.36 2.13
CA LYS A 299 4.69 17.85 1.02
C LYS A 299 5.65 18.97 1.46
N GLY A 300 5.39 19.59 2.60
CA GLY A 300 6.31 20.60 3.13
C GLY A 300 7.47 20.01 3.96
N ARG A 301 7.42 18.72 4.30
CA ARG A 301 8.43 18.13 5.22
C ARG A 301 9.84 17.93 4.61
N LEU A 302 10.89 18.47 5.28
CA LEU A 302 12.31 18.35 4.83
C LEU A 302 12.95 16.97 5.09
#